data_9QNI
#
_entry.id   9QNI
#
_cell.length_a   83.064
_cell.length_b   113.004
_cell.length_c   63.269
_cell.angle_alpha   90.00
_cell.angle_beta   90.00
_cell.angle_gamma   90.00
#
_symmetry.space_group_name_H-M   'C 2 2 21'
#
loop_
_entity.id
_entity.type
_entity.pdbx_description
1 polymer '14-3-3 protein sigma'
2 polymer 'NOTCH4 pS1847 peptide'
3 non-polymer 'CHLORIDE ION'
4 non-polymer 'CALCIUM ION'
5 water water
#
loop_
_entity_poly.entity_id
_entity_poly.type
_entity_poly.pdbx_seq_one_letter_code
_entity_poly.pdbx_strand_id
1 'polypeptide(L)'
;GAMGSMERASLIQKAKLAEQAERYEDMAAFMKGAVEKGEELSCEERNLLSVAYKNVVGGQRAAWRVLSSIEQKSNEEGSE
EKGPEVREYREKVETELQGVCDTVLGLLDSHLIKEAGDAESRVFYLKMKGDYYRYLAEVATGDDKKRIIDSARSAYQEAM
DISKKEMPPTNPIRLGLALNFSVFHYEIANSPEEAISLAKTTFDEAMADLHTLSEDSYKDSTLIMQLLRDNLTLWT
;
A
2 'polypeptide(L)' ARTV(SEP)VS P
#
loop_
_chem_comp.id
_chem_comp.type
_chem_comp.name
_chem_comp.formula
CA non-polymer 'CALCIUM ION' 'Ca 2'
CL non-polymer 'CHLORIDE ION' 'Cl -1'
#
# COMPACT_ATOMS: atom_id res chain seq x y z
N GLY A 1 -1.19 14.11 -19.90
CA GLY A 1 -0.40 13.23 -20.74
C GLY A 1 -1.21 12.68 -21.91
N ALA A 2 -1.11 11.36 -22.13
CA ALA A 2 -1.85 10.68 -23.19
C ALA A 2 -3.35 10.61 -22.93
N MET A 3 -3.77 10.84 -21.68
CA MET A 3 -5.19 10.85 -21.33
C MET A 3 -5.77 12.26 -21.28
N GLY A 4 -4.95 13.25 -21.66
CA GLY A 4 -5.32 14.65 -21.63
C GLY A 4 -6.55 15.04 -22.45
N SER A 5 -6.79 14.31 -23.55
CA SER A 5 -7.94 14.59 -24.41
C SER A 5 -9.23 13.85 -24.04
N MET A 6 -9.20 12.92 -23.07
CA MET A 6 -10.40 12.23 -22.66
C MET A 6 -11.12 12.89 -21.48
N GLU A 7 -12.46 12.91 -21.54
CA GLU A 7 -13.27 13.40 -20.42
C GLU A 7 -13.02 12.67 -19.09
N ARG A 8 -13.06 13.42 -17.98
CA ARG A 8 -12.88 12.82 -16.67
C ARG A 8 -13.87 11.67 -16.43
N ALA A 9 -15.16 11.87 -16.76
CA ALA A 9 -16.15 10.84 -16.53
C ALA A 9 -15.89 9.57 -17.37
N SER A 10 -15.42 9.76 -18.61
CA SER A 10 -15.04 8.65 -19.47
C SER A 10 -13.86 7.85 -18.93
N LEU A 11 -12.83 8.54 -18.43
CA LEU A 11 -11.72 7.87 -17.76
C LEU A 11 -12.19 7.01 -16.59
N ILE A 12 -13.12 7.53 -15.78
CA ILE A 12 -13.62 6.77 -14.65
C ILE A 12 -14.41 5.54 -15.12
N GLN A 13 -15.29 5.73 -16.11
CA GLN A 13 -16.03 4.64 -16.73
C GLN A 13 -15.10 3.53 -17.23
N LYS A 14 -14.07 3.93 -17.98
CA LYS A 14 -13.11 2.97 -18.52
C LYS A 14 -12.28 2.28 -17.45
N ALA A 15 -11.96 3.00 -16.37
CA ALA A 15 -11.28 2.37 -15.24
C ALA A 15 -12.09 1.21 -14.69
N LYS A 16 -13.41 1.38 -14.59
CA LYS A 16 -14.27 0.34 -14.06
C LYS A 16 -14.34 -0.85 -15.02
N LEU A 17 -14.38 -0.57 -16.33
CA LEU A 17 -14.37 -1.61 -17.36
C LEU A 17 -13.05 -2.39 -17.30
N ALA A 18 -11.92 -1.68 -17.15
CA ALA A 18 -10.62 -2.32 -17.06
C ALA A 18 -10.52 -3.22 -15.83
N GLU A 19 -11.09 -2.77 -14.70
CA GLU A 19 -11.16 -3.61 -13.51
C GLU A 19 -11.93 -4.91 -13.81
N GLN A 20 -13.07 -4.83 -14.50
CA GLN A 20 -13.83 -6.03 -14.80
C GLN A 20 -13.09 -6.99 -15.72
N ALA A 21 -12.25 -6.45 -16.61
CA ALA A 21 -11.46 -7.24 -17.54
C ALA A 21 -10.11 -7.68 -16.97
N GLU A 22 -9.86 -7.35 -15.70
CA GLU A 22 -8.57 -7.53 -15.04
C GLU A 22 -7.39 -6.98 -15.85
N ARG A 23 -7.57 -5.78 -16.42
CA ARG A 23 -6.53 -5.05 -17.11
C ARG A 23 -6.01 -3.92 -16.22
N TYR A 24 -5.22 -4.26 -15.21
CA TYR A 24 -4.86 -3.31 -14.17
C TYR A 24 -3.90 -2.20 -14.61
N GLU A 25 -3.01 -2.47 -15.60
CA GLU A 25 -2.15 -1.42 -16.12
C GLU A 25 -2.97 -0.33 -16.82
N ASP A 26 -3.91 -0.75 -17.65
CA ASP A 26 -4.88 0.17 -18.24
C ASP A 26 -5.67 0.94 -17.16
N MET A 27 -6.15 0.22 -16.16
CA MET A 27 -6.91 0.82 -15.08
C MET A 27 -6.10 1.94 -14.40
N ALA A 28 -4.83 1.65 -14.11
CA ALA A 28 -3.93 2.63 -13.49
C ALA A 28 -3.71 3.85 -14.37
N ALA A 29 -3.53 3.65 -15.68
CA ALA A 29 -3.35 4.78 -16.59
C ALA A 29 -4.59 5.66 -16.69
N PHE A 30 -5.77 5.04 -16.70
CA PHE A 30 -7.02 5.78 -16.71
C PHE A 30 -7.17 6.61 -15.42
N MET A 31 -6.89 5.99 -14.27
CA MET A 31 -7.03 6.71 -13.00
C MET A 31 -6.00 7.82 -12.84
N LYS A 32 -4.77 7.62 -13.34
CA LYS A 32 -3.76 8.67 -13.37
C LYS A 32 -4.29 9.86 -14.16
N GLY A 33 -4.89 9.56 -15.32
CA GLY A 33 -5.47 10.59 -16.17
C GLY A 33 -6.57 11.36 -15.44
N ALA A 34 -7.43 10.63 -14.70
CA ALA A 34 -8.49 11.26 -13.93
C ALA A 34 -7.92 12.17 -12.84
N VAL A 35 -6.90 11.70 -12.11
CA VAL A 35 -6.24 12.54 -11.12
C VAL A 35 -5.70 13.84 -11.72
N GLU A 36 -5.07 13.73 -12.89
CA GLU A 36 -4.42 14.88 -13.52
C GLU A 36 -5.41 15.92 -14.05
N LYS A 37 -6.72 15.62 -14.00
CA LYS A 37 -7.73 16.62 -14.33
C LYS A 37 -7.80 17.72 -13.27
N GLY A 38 -7.30 17.45 -12.06
CA GLY A 38 -7.12 18.48 -11.06
C GLY A 38 -8.23 18.60 -10.01
N GLU A 39 -9.34 17.87 -10.21
CA GLU A 39 -10.43 17.87 -9.26
C GLU A 39 -10.17 16.83 -8.16
N GLU A 40 -10.71 17.07 -6.96
CA GLU A 40 -10.60 16.11 -5.87
C GLU A 40 -11.32 14.81 -6.24
N LEU A 41 -10.93 13.69 -5.60
CA LEU A 41 -11.55 12.39 -5.88
C LEU A 41 -12.63 12.07 -4.85
N SER A 42 -13.70 11.42 -5.33
CA SER A 42 -14.68 10.85 -4.44
C SER A 42 -14.15 9.60 -3.74
N CYS A 43 -14.92 9.11 -2.76
CA CYS A 43 -14.55 7.88 -2.07
C CYS A 43 -14.42 6.71 -3.03
N GLU A 44 -15.39 6.57 -3.96
CA GLU A 44 -15.34 5.51 -4.95
C GLU A 44 -14.12 5.63 -5.86
N GLU A 45 -13.83 6.86 -6.30
CA GLU A 45 -12.69 7.11 -7.18
C GLU A 45 -11.35 6.83 -6.50
N ARG A 46 -11.23 7.18 -5.20
CA ARG A 46 -10.03 6.90 -4.44
C ARG A 46 -9.77 5.41 -4.38
N ASN A 47 -10.85 4.63 -4.22
CA ASN A 47 -10.70 3.19 -4.13
C ASN A 47 -10.29 2.57 -5.46
N LEU A 48 -10.80 3.11 -6.57
CA LEU A 48 -10.35 2.67 -7.89
C LEU A 48 -8.85 2.93 -8.12
N LEU A 49 -8.38 4.11 -7.72
CA LEU A 49 -6.98 4.47 -7.84
C LEU A 49 -6.14 3.45 -7.08
N SER A 50 -6.55 3.18 -5.84
CA SER A 50 -5.82 2.27 -4.98
C SER A 50 -5.78 0.83 -5.50
N VAL A 51 -6.94 0.32 -5.91
CA VAL A 51 -7.00 -1.02 -6.49
C VAL A 51 -6.08 -1.17 -7.71
N ALA A 52 -6.07 -0.16 -8.58
CA ALA A 52 -5.34 -0.26 -9.83
C ALA A 52 -3.85 -0.40 -9.56
N TYR A 53 -3.29 0.54 -8.80
CA TYR A 53 -1.86 0.55 -8.51
C TYR A 53 -1.44 -0.60 -7.61
N LYS A 54 -2.34 -1.03 -6.70
CA LYS A 54 -2.01 -2.13 -5.82
C LYS A 54 -1.76 -3.41 -6.63
N ASN A 55 -2.60 -3.64 -7.63
CA ASN A 55 -2.46 -4.79 -8.52
C ASN A 55 -1.24 -4.72 -9.42
N VAL A 56 -0.92 -3.52 -9.94
CA VAL A 56 0.28 -3.34 -10.75
C VAL A 56 1.54 -3.62 -9.93
N VAL A 57 1.68 -2.92 -8.79
CA VAL A 57 2.88 -3.06 -7.99
C VAL A 57 2.90 -4.46 -7.37
N GLY A 58 1.73 -5.06 -7.16
CA GLY A 58 1.67 -6.40 -6.59
C GLY A 58 2.36 -7.45 -7.46
N GLY A 59 2.08 -7.39 -8.77
CA GLY A 59 2.75 -8.19 -9.77
C GLY A 59 4.26 -7.98 -9.79
N GLN A 60 4.71 -6.73 -9.70
CA GLN A 60 6.13 -6.43 -9.74
C GLN A 60 6.84 -6.91 -8.48
N ARG A 61 6.20 -6.75 -7.31
CA ARG A 61 6.80 -7.18 -6.06
C ARG A 61 6.99 -8.70 -6.07
N ALA A 62 5.99 -9.43 -6.56
CA ALA A 62 6.03 -10.89 -6.62
C ALA A 62 7.14 -11.39 -7.55
N ALA A 63 7.30 -10.74 -8.72
CA ALA A 63 8.39 -11.07 -9.64
C ALA A 63 9.75 -10.79 -9.02
N TRP A 64 9.88 -9.61 -8.41
CA TRP A 64 11.12 -9.21 -7.77
C TRP A 64 11.58 -10.22 -6.73
N ARG A 65 10.64 -10.76 -5.94
CA ARG A 65 10.98 -11.71 -4.89
C ARG A 65 11.47 -13.04 -5.48
N VAL A 66 10.83 -13.51 -6.55
CA VAL A 66 11.28 -14.67 -7.29
C VAL A 66 12.72 -14.48 -7.72
N LEU A 67 12.98 -13.36 -8.42
CA LEU A 67 14.31 -13.12 -9.00
C LEU A 67 15.38 -12.87 -7.95
N SER A 68 15.02 -12.19 -6.86
CA SER A 68 15.95 -11.94 -5.77
C SER A 68 16.40 -13.26 -5.12
N SER A 69 15.46 -14.18 -4.96
CA SER A 69 15.76 -15.49 -4.41
C SER A 69 16.70 -16.30 -5.30
N ILE A 70 16.46 -16.27 -6.61
CA ILE A 70 17.36 -16.93 -7.56
C ILE A 70 18.75 -16.31 -7.48
N GLU A 71 18.79 -14.98 -7.43
CA GLU A 71 20.04 -14.25 -7.35
C GLU A 71 20.82 -14.62 -6.09
N GLN A 72 20.12 -14.72 -4.95
CA GLN A 72 20.79 -15.07 -3.71
C GLN A 72 21.35 -16.48 -3.70
N LYS A 73 20.63 -17.44 -4.30
CA LYS A 73 21.12 -18.80 -4.43
C LYS A 73 22.32 -18.92 -5.38
N SER A 74 22.45 -17.97 -6.32
CA SER A 74 23.62 -17.91 -7.17
C SER A 74 24.87 -17.45 -6.44
N ASN A 75 24.68 -16.68 -5.34
CA ASN A 75 25.76 -16.18 -4.51
C ASN A 75 25.99 -17.02 -3.25
N GLU A 76 25.75 -18.32 -3.35
CA GLU A 76 26.17 -19.26 -2.32
C GLU A 76 27.49 -19.91 -2.72
N GLU A 77 28.15 -20.56 -1.76
CA GLU A 77 29.37 -21.29 -2.05
C GLU A 77 29.00 -22.66 -2.62
N GLY A 78 29.64 -23.04 -3.73
CA GLY A 78 29.31 -24.28 -4.42
C GLY A 78 28.45 -24.05 -5.67
N SER A 79 27.90 -22.83 -5.80
CA SER A 79 27.09 -22.46 -6.94
C SER A 79 27.97 -22.14 -8.15
N GLU A 80 27.46 -22.45 -9.34
CA GLU A 80 28.21 -22.27 -10.58
C GLU A 80 27.98 -20.87 -11.14
N GLU A 81 29.07 -20.21 -11.56
CA GLU A 81 28.99 -18.89 -12.17
C GLU A 81 28.21 -18.96 -13.48
N LYS A 82 27.15 -18.15 -13.58
CA LYS A 82 26.28 -18.19 -14.76
C LYS A 82 26.24 -16.85 -15.50
N GLY A 83 27.05 -15.89 -15.05
CA GLY A 83 27.14 -14.59 -15.70
C GLY A 83 26.18 -13.54 -15.10
N PRO A 84 26.06 -12.37 -15.75
CA PRO A 84 25.35 -11.24 -15.16
C PRO A 84 23.84 -11.21 -15.38
N GLU A 85 23.27 -12.24 -16.01
CA GLU A 85 21.89 -12.14 -16.47
C GLU A 85 20.86 -12.03 -15.33
N VAL A 86 21.03 -12.82 -14.26
CA VAL A 86 20.08 -12.79 -13.15
C VAL A 86 20.04 -11.41 -12.51
N ARG A 87 21.22 -10.85 -12.21
CA ARG A 87 21.34 -9.52 -11.64
C ARG A 87 20.73 -8.47 -12.57
N GLU A 88 21.06 -8.54 -13.87
CA GLU A 88 20.55 -7.60 -14.85
C GLU A 88 19.02 -7.59 -14.88
N TYR A 89 18.42 -8.78 -14.90
CA TYR A 89 16.98 -8.87 -15.03
C TYR A 89 16.28 -8.46 -13.73
N ARG A 90 16.87 -8.82 -12.58
CA ARG A 90 16.35 -8.35 -11.30
C ARG A 90 16.38 -6.83 -11.22
N GLU A 91 17.46 -6.20 -11.68
CA GLU A 91 17.55 -4.75 -11.77
C GLU A 91 16.51 -4.10 -12.69
N LYS A 92 16.20 -4.73 -13.82
CA LYS A 92 15.18 -4.22 -14.72
C LYS A 92 13.82 -4.19 -14.03
N VAL A 93 13.46 -5.32 -13.42
CA VAL A 93 12.19 -5.42 -12.71
C VAL A 93 12.16 -4.40 -11.57
N GLU A 94 13.27 -4.31 -10.83
CA GLU A 94 13.39 -3.38 -9.72
C GLU A 94 13.20 -1.93 -10.16
N THR A 95 13.82 -1.56 -11.30
CA THR A 95 13.66 -0.22 -11.83
C THR A 95 12.22 0.11 -12.21
N GLU A 96 11.51 -0.84 -12.82
CA GLU A 96 10.13 -0.62 -13.20
C GLU A 96 9.23 -0.47 -11.97
N LEU A 97 9.46 -1.30 -10.94
CA LEU A 97 8.76 -1.15 -9.67
C LEU A 97 8.98 0.23 -9.03
N GLN A 98 10.23 0.71 -9.00
CA GLN A 98 10.53 2.02 -8.45
C GLN A 98 9.85 3.12 -9.27
N GLY A 99 9.76 2.93 -10.59
CA GLY A 99 9.05 3.88 -11.42
C GLY A 99 7.56 4.01 -11.11
N VAL A 100 6.90 2.88 -10.82
CA VAL A 100 5.50 2.89 -10.42
C VAL A 100 5.30 3.56 -9.06
N CYS A 101 6.10 3.18 -8.05
CA CYS A 101 6.06 3.86 -6.77
C CYS A 101 6.27 5.36 -6.91
N ASP A 102 7.25 5.75 -7.73
CA ASP A 102 7.50 7.18 -7.95
C ASP A 102 6.31 7.89 -8.59
N THR A 103 5.62 7.22 -9.50
CA THR A 103 4.42 7.78 -10.12
C THR A 103 3.30 8.01 -9.10
N VAL A 104 3.05 7.03 -8.23
CA VAL A 104 2.02 7.17 -7.21
C VAL A 104 2.36 8.31 -6.24
N LEU A 105 3.61 8.31 -5.75
CA LEU A 105 4.07 9.33 -4.81
C LEU A 105 4.00 10.74 -5.41
N GLY A 106 4.26 10.85 -6.72
CA GLY A 106 4.11 12.10 -7.45
C GLY A 106 2.68 12.61 -7.54
N LEU A 107 1.72 11.69 -7.71
CA LEU A 107 0.32 12.07 -7.73
C LEU A 107 -0.14 12.54 -6.35
N LEU A 108 0.32 11.85 -5.30
CA LEU A 108 -0.04 12.23 -3.94
C LEU A 108 0.51 13.61 -3.62
N ASP A 109 1.73 13.87 -4.08
CA ASP A 109 2.39 15.16 -3.86
C ASP A 109 1.88 16.29 -4.76
N SER A 110 1.23 15.94 -5.88
CA SER A 110 0.77 16.90 -6.87
C SER A 110 -0.62 16.57 -7.43
N HIS A 111 -1.70 16.84 -6.68
CA HIS A 111 -1.70 17.60 -5.45
C HIS A 111 -2.77 17.03 -4.53
N LEU A 112 -2.90 15.70 -4.50
CA LEU A 112 -3.98 15.04 -3.78
C LEU A 112 -3.95 15.33 -2.28
N ILE A 113 -2.78 15.20 -1.66
CA ILE A 113 -2.68 15.36 -0.21
C ILE A 113 -2.95 16.80 0.22
N LYS A 114 -2.31 17.78 -0.43
CA LYS A 114 -2.49 19.15 0.01
C LYS A 114 -3.95 19.63 -0.14
N GLU A 115 -4.72 19.05 -1.07
CA GLU A 115 -6.10 19.49 -1.25
C GLU A 115 -7.07 18.71 -0.35
N ALA A 116 -6.55 17.67 0.33
CA ALA A 116 -7.39 16.77 1.10
C ALA A 116 -7.60 17.28 2.53
N GLY A 117 -8.81 17.77 2.81
CA GLY A 117 -9.15 18.35 4.11
C GLY A 117 -9.91 17.45 5.07
N ASP A 118 -10.82 16.63 4.54
CA ASP A 118 -11.64 15.75 5.38
C ASP A 118 -10.77 14.59 5.84
N ALA A 119 -11.05 14.09 7.04
CA ALA A 119 -10.24 13.04 7.65
C ALA A 119 -10.16 11.76 6.81
N GLU A 120 -11.29 11.37 6.20
CA GLU A 120 -11.38 10.15 5.43
C GLU A 120 -10.48 10.18 4.20
N SER A 121 -10.43 11.31 3.49
CA SER A 121 -9.52 11.46 2.36
C SER A 121 -8.06 11.64 2.78
N ARG A 122 -7.82 12.45 3.82
CA ARG A 122 -6.44 12.75 4.20
C ARG A 122 -5.75 11.50 4.73
N VAL A 123 -6.44 10.73 5.59
CA VAL A 123 -5.89 9.49 6.09
C VAL A 123 -5.66 8.49 4.97
N PHE A 124 -6.61 8.40 4.02
CA PHE A 124 -6.48 7.48 2.90
C PHE A 124 -5.20 7.77 2.12
N TYR A 125 -4.97 9.05 1.80
CA TYR A 125 -3.82 9.42 1.00
C TYR A 125 -2.51 9.27 1.75
N LEU A 126 -2.51 9.59 3.06
CA LEU A 126 -1.29 9.47 3.83
C LEU A 126 -0.92 8.00 4.03
N LYS A 127 -1.93 7.12 4.20
CA LYS A 127 -1.69 5.69 4.23
C LYS A 127 -1.05 5.18 2.93
N MET A 128 -1.59 5.64 1.79
CA MET A 128 -1.02 5.29 0.49
C MET A 128 0.44 5.73 0.40
N LYS A 129 0.74 6.93 0.87
CA LYS A 129 2.10 7.44 0.84
C LYS A 129 3.02 6.51 1.64
N GLY A 130 2.60 6.13 2.84
CA GLY A 130 3.32 5.14 3.63
C GLY A 130 3.55 3.82 2.91
N ASP A 131 2.50 3.30 2.28
CA ASP A 131 2.56 2.02 1.59
C ASP A 131 3.59 2.03 0.44
N TYR A 132 3.61 3.11 -0.35
CA TYR A 132 4.48 3.15 -1.52
C TYR A 132 5.93 3.45 -1.14
N TYR A 133 6.16 4.16 -0.03
CA TYR A 133 7.52 4.24 0.52
C TYR A 133 7.94 2.89 1.09
N ARG A 134 7.01 2.14 1.72
CA ARG A 134 7.33 0.82 2.20
C ARG A 134 7.74 -0.13 1.07
N TYR A 135 7.01 -0.08 -0.05
CA TYR A 135 7.38 -0.90 -1.20
C TYR A 135 8.77 -0.53 -1.73
N LEU A 136 9.11 0.74 -1.75
CA LEU A 136 10.45 1.16 -2.13
C LEU A 136 11.49 0.65 -1.13
N ALA A 137 11.14 0.65 0.16
CA ALA A 137 12.03 0.17 1.20
C ALA A 137 12.32 -1.32 1.06
N GLU A 138 11.35 -2.11 0.57
CA GLU A 138 11.54 -3.54 0.40
C GLU A 138 12.71 -3.85 -0.54
N VAL A 139 13.00 -2.96 -1.50
CA VAL A 139 14.07 -3.19 -2.46
C VAL A 139 15.29 -2.30 -2.30
N ALA A 140 15.26 -1.38 -1.32
CA ALA A 140 16.37 -0.47 -1.10
C ALA A 140 17.53 -1.15 -0.38
N THR A 141 18.75 -0.81 -0.78
CA THR A 141 19.96 -1.38 -0.18
C THR A 141 20.94 -0.27 0.21
N GLY A 142 21.22 0.62 -0.76
CA GLY A 142 22.23 1.64 -0.63
C GLY A 142 22.04 2.63 0.53
N ASP A 143 22.61 3.82 0.36
CA ASP A 143 22.68 4.79 1.44
C ASP A 143 21.42 5.65 1.55
N ASP A 144 20.33 5.22 0.89
CA ASP A 144 19.04 5.88 1.04
C ASP A 144 17.98 4.99 1.69
N LYS A 145 18.35 3.76 2.09
CA LYS A 145 17.39 2.88 2.71
C LYS A 145 16.81 3.53 3.96
N LYS A 146 17.68 4.19 4.75
CA LYS A 146 17.26 4.76 6.02
C LYS A 146 16.33 5.95 5.81
N ARG A 147 16.58 6.78 4.81
CA ARG A 147 15.71 7.90 4.51
C ARG A 147 14.35 7.45 3.96
N ILE A 148 14.33 6.36 3.20
CA ILE A 148 13.08 5.82 2.68
C ILE A 148 12.22 5.30 3.83
N ILE A 149 12.84 4.52 4.72
CA ILE A 149 12.17 4.01 5.91
C ILE A 149 11.59 5.15 6.74
N ASP A 150 12.36 6.23 6.92
CA ASP A 150 11.85 7.34 7.72
C ASP A 150 10.69 8.07 7.04
N SER A 151 10.70 8.14 5.70
CA SER A 151 9.57 8.69 4.97
C SER A 151 8.31 7.85 5.10
N ALA A 152 8.45 6.53 5.05
CA ALA A 152 7.32 5.65 5.29
C ALA A 152 6.75 5.88 6.69
N ARG A 153 7.61 5.81 7.70
CA ARG A 153 7.22 5.95 9.09
C ARG A 153 6.48 7.26 9.32
N SER A 154 7.03 8.35 8.77
CA SER A 154 6.48 9.67 9.00
C SER A 154 5.08 9.81 8.41
N ALA A 155 4.87 9.25 7.21
CA ALA A 155 3.56 9.27 6.59
C ALA A 155 2.54 8.46 7.39
N TYR A 156 2.92 7.22 7.74
CA TYR A 156 2.06 6.40 8.59
C TYR A 156 1.69 7.08 9.91
N GLN A 157 2.68 7.72 10.58
CA GLN A 157 2.47 8.33 11.89
C GLN A 157 1.48 9.48 11.82
N GLU A 158 1.62 10.32 10.79
CA GLU A 158 0.71 11.44 10.59
C GLU A 158 -0.72 10.95 10.35
N ALA A 159 -0.84 9.89 9.53
CA ALA A 159 -2.14 9.28 9.29
C ALA A 159 -2.75 8.73 10.58
N MET A 160 -1.93 8.09 11.41
CA MET A 160 -2.40 7.51 12.66
C MET A 160 -2.92 8.58 13.62
N ASP A 161 -2.18 9.69 13.73
CA ASP A 161 -2.57 10.80 14.59
C ASP A 161 -3.93 11.38 14.19
N ILE A 162 -4.16 11.59 12.89
CA ILE A 162 -5.46 12.04 12.42
C ILE A 162 -6.56 11.01 12.67
N SER A 163 -6.28 9.72 12.39
CA SER A 163 -7.29 8.68 12.49
C SER A 163 -7.76 8.50 13.95
N LYS A 164 -6.81 8.63 14.88
CA LYS A 164 -7.13 8.51 16.29
C LYS A 164 -8.02 9.64 16.80
N LYS A 165 -7.80 10.86 16.31
CA LYS A 165 -8.62 12.01 16.65
C LYS A 165 -9.99 12.06 15.96
N GLU A 166 -10.08 11.55 14.72
CA GLU A 166 -11.21 11.88 13.87
C GLU A 166 -12.11 10.74 13.44
N MET A 167 -11.69 9.49 13.69
CA MET A 167 -12.43 8.34 13.19
C MET A 167 -12.70 7.35 14.32
N PRO A 168 -13.82 6.59 14.26
CA PRO A 168 -14.05 5.51 15.21
C PRO A 168 -13.08 4.34 15.05
N PRO A 169 -12.80 3.58 16.13
CA PRO A 169 -11.85 2.47 16.06
C PRO A 169 -12.22 1.37 15.09
N THR A 170 -13.50 1.30 14.70
CA THR A 170 -13.98 0.32 13.73
C THR A 170 -13.93 0.75 12.27
N ASN A 171 -13.60 2.02 12.02
CA ASN A 171 -13.54 2.53 10.67
C ASN A 171 -12.56 1.72 9.81
N PRO A 172 -13.00 1.14 8.67
CA PRO A 172 -12.11 0.30 7.84
C PRO A 172 -10.80 0.95 7.38
N ILE A 173 -10.83 2.26 7.12
CA ILE A 173 -9.61 2.97 6.73
C ILE A 173 -8.63 3.02 7.90
N ARG A 174 -9.13 3.37 9.08
CA ARG A 174 -8.32 3.35 10.29
C ARG A 174 -7.75 1.95 10.56
N LEU A 175 -8.57 0.91 10.39
CA LEU A 175 -8.13 -0.45 10.65
C LEU A 175 -7.06 -0.93 9.67
N GLY A 176 -7.26 -0.60 8.39
CA GLY A 176 -6.30 -0.97 7.37
C GLY A 176 -4.98 -0.23 7.51
N LEU A 177 -5.06 1.04 7.91
CA LEU A 177 -3.89 1.83 8.23
C LEU A 177 -3.09 1.15 9.34
N ALA A 178 -3.76 0.80 10.43
CA ALA A 178 -3.06 0.19 11.54
C ALA A 178 -2.45 -1.16 11.16
N LEU A 179 -3.19 -1.97 10.39
CA LEU A 179 -2.66 -3.23 9.89
C LEU A 179 -1.37 -3.03 9.10
N ASN A 180 -1.38 -2.08 8.16
CA ASN A 180 -0.20 -1.88 7.31
C ASN A 180 0.98 -1.27 8.07
N PHE A 181 0.71 -0.39 9.04
CA PHE A 181 1.76 0.19 9.87
C PHE A 181 2.40 -0.91 10.72
N SER A 182 1.60 -1.89 11.17
CA SER A 182 2.14 -2.99 11.96
C SER A 182 3.03 -3.88 11.09
N VAL A 183 2.67 -4.05 9.80
CA VAL A 183 3.49 -4.79 8.86
C VAL A 183 4.81 -4.08 8.62
N PHE A 184 4.74 -2.74 8.52
CA PHE A 184 5.93 -1.90 8.44
C PHE A 184 6.87 -2.20 9.61
N HIS A 185 6.34 -2.18 10.85
CA HIS A 185 7.18 -2.41 12.01
C HIS A 185 7.84 -3.79 11.96
N TYR A 186 7.07 -4.79 11.54
CA TYR A 186 7.50 -6.16 11.62
C TYR A 186 8.53 -6.49 10.53
N GLU A 187 8.24 -6.07 9.29
CA GLU A 187 9.02 -6.51 8.14
C GLU A 187 10.09 -5.51 7.67
N ILE A 188 9.88 -4.22 7.93
CA ILE A 188 10.80 -3.20 7.45
C ILE A 188 11.66 -2.58 8.55
N ALA A 189 11.05 -2.23 9.68
CA ALA A 189 11.73 -1.46 10.72
C ALA A 189 12.41 -2.33 11.78
N ASN A 190 12.31 -3.65 11.63
CA ASN A 190 12.91 -4.59 12.57
C ASN A 190 12.40 -4.39 14.01
N SER A 191 11.09 -4.11 14.14
CA SER A 191 10.49 -3.84 15.44
C SER A 191 9.30 -4.77 15.69
N PRO A 192 9.51 -6.11 15.82
CA PRO A 192 8.39 -7.03 15.96
C PRO A 192 7.52 -6.80 17.19
N GLU A 193 8.11 -6.31 18.30
CA GLU A 193 7.34 -6.05 19.50
C GLU A 193 6.38 -4.87 19.29
N GLU A 194 6.85 -3.84 18.58
CA GLU A 194 5.99 -2.71 18.22
C GLU A 194 4.86 -3.18 17.32
N ALA A 195 5.16 -4.06 16.37
CA ALA A 195 4.14 -4.61 15.47
C ALA A 195 3.03 -5.35 16.22
N ILE A 196 3.43 -6.22 17.15
CA ILE A 196 2.51 -7.00 17.95
C ILE A 196 1.61 -6.13 18.84
N SER A 197 2.21 -5.14 19.52
CA SER A 197 1.48 -4.23 20.38
CA SER A 197 1.48 -4.23 20.39
C SER A 197 0.43 -3.42 19.61
N LEU A 198 0.82 -2.93 18.44
CA LEU A 198 -0.12 -2.15 17.65
C LEU A 198 -1.28 -3.01 17.16
N ALA A 199 -1.00 -4.22 16.66
CA ALA A 199 -2.04 -5.12 16.18
C ALA A 199 -3.03 -5.49 17.29
N LYS A 200 -2.51 -5.82 18.47
CA LYS A 200 -3.35 -6.18 19.61
C LYS A 200 -4.25 -5.04 20.09
N THR A 201 -3.64 -3.87 20.32
CA THR A 201 -4.36 -2.69 20.74
C THR A 201 -5.44 -2.32 19.71
N THR A 202 -5.10 -2.37 18.43
CA THR A 202 -6.07 -2.06 17.38
C THR A 202 -7.26 -3.03 17.40
N PHE A 203 -6.96 -4.32 17.54
CA PHE A 203 -8.00 -5.34 17.56
C PHE A 203 -8.95 -5.12 18.73
N ASP A 204 -8.39 -4.94 19.93
CA ASP A 204 -9.18 -4.82 21.15
C ASP A 204 -10.07 -3.57 21.17
N GLU A 205 -9.58 -2.44 20.66
CA GLU A 205 -10.40 -1.24 20.62
C GLU A 205 -11.52 -1.33 19.58
N ALA A 206 -11.29 -2.03 18.48
CA ALA A 206 -12.36 -2.27 17.52
C ALA A 206 -13.42 -3.19 18.10
N MET A 207 -13.00 -4.27 18.75
CA MET A 207 -13.91 -5.24 19.35
C MET A 207 -14.92 -4.54 20.25
N ALA A 208 -14.44 -3.59 21.05
CA ALA A 208 -15.27 -2.89 22.02
C ALA A 208 -16.23 -1.85 21.42
N ASP A 209 -16.07 -1.54 20.12
CA ASP A 209 -16.94 -0.60 19.40
C ASP A 209 -17.90 -1.26 18.40
N LEU A 210 -17.81 -2.58 18.23
CA LEU A 210 -18.62 -3.29 17.25
C LEU A 210 -20.12 -3.17 17.53
N HIS A 211 -20.47 -3.04 18.81
CA HIS A 211 -21.87 -2.96 19.22
C HIS A 211 -22.58 -1.77 18.56
N THR A 212 -21.82 -0.74 18.14
CA THR A 212 -22.43 0.45 17.57
C THR A 212 -22.81 0.32 16.09
N LEU A 213 -22.39 -0.78 15.45
CA LEU A 213 -22.47 -0.95 14.00
C LEU A 213 -23.70 -1.66 13.47
N SER A 214 -24.11 -1.27 12.26
CA SER A 214 -25.09 -2.03 11.48
C SER A 214 -24.50 -3.36 11.02
N GLU A 215 -25.37 -4.24 10.53
CA GLU A 215 -24.96 -5.54 10.02
C GLU A 215 -23.90 -5.43 8.91
N ASP A 216 -24.07 -4.46 8.01
CA ASP A 216 -23.15 -4.30 6.88
C ASP A 216 -21.80 -3.72 7.31
N SER A 217 -21.82 -2.72 8.19
CA SER A 217 -20.60 -2.15 8.73
C SER A 217 -19.84 -3.17 9.58
N TYR A 218 -20.58 -3.94 10.38
CA TYR A 218 -20.02 -5.04 11.15
C TYR A 218 -19.17 -5.97 10.29
N LYS A 219 -19.72 -6.37 9.14
CA LYS A 219 -19.02 -7.27 8.23
C LYS A 219 -17.75 -6.65 7.66
N ASP A 220 -17.81 -5.37 7.29
CA ASP A 220 -16.64 -4.65 6.79
C ASP A 220 -15.50 -4.58 7.80
N SER A 221 -15.83 -4.24 9.06
CA SER A 221 -14.81 -4.12 10.11
C SER A 221 -14.23 -5.48 10.52
N THR A 222 -15.07 -6.51 10.66
CA THR A 222 -14.58 -7.80 11.13
C THR A 222 -13.70 -8.52 10.11
N LEU A 223 -13.92 -8.26 8.82
CA LEU A 223 -13.00 -8.74 7.80
C LEU A 223 -11.56 -8.29 8.05
N ILE A 224 -11.36 -7.00 8.32
CA ILE A 224 -10.01 -6.50 8.52
C ILE A 224 -9.44 -6.93 9.87
N MET A 225 -10.31 -7.00 10.89
CA MET A 225 -9.90 -7.52 12.19
C MET A 225 -9.34 -8.94 12.07
N GLN A 226 -9.94 -9.74 11.18
CA GLN A 226 -9.50 -11.10 10.97
C GLN A 226 -8.06 -11.14 10.43
N LEU A 227 -7.68 -10.16 9.61
CA LEU A 227 -6.33 -10.07 9.09
C LEU A 227 -5.32 -9.71 10.18
N LEU A 228 -5.70 -8.81 11.09
CA LEU A 228 -4.91 -8.55 12.29
C LEU A 228 -4.71 -9.82 13.11
N ARG A 229 -5.79 -10.60 13.28
CA ARG A 229 -5.69 -11.84 14.06
C ARG A 229 -4.75 -12.84 13.38
N ASP A 230 -4.85 -12.96 12.05
CA ASP A 230 -4.00 -13.86 11.29
C ASP A 230 -2.52 -13.53 11.51
N ASN A 231 -2.18 -12.24 11.40
CA ASN A 231 -0.79 -11.84 11.64
C ASN A 231 -0.37 -12.16 13.05
N LEU A 232 -1.19 -11.80 14.04
CA LEU A 232 -0.84 -12.06 15.43
C LEU A 232 -0.59 -13.54 15.69
N THR A 233 -1.41 -14.40 15.08
CA THR A 233 -1.26 -15.86 15.22
C THR A 233 0.08 -16.34 14.67
N LEU A 234 0.54 -15.71 13.58
CA LEU A 234 1.82 -16.03 12.98
C LEU A 234 3.00 -15.49 13.78
N TRP A 235 2.87 -14.26 14.28
CA TRP A 235 3.95 -13.56 14.96
C TRP A 235 4.19 -13.97 16.41
N THR A 236 3.19 -14.61 17.02
CA THR A 236 3.26 -15.01 18.42
C THR A 236 2.92 -16.49 18.58
N ALA B 1 1.90 -19.87 5.59
CA ALA B 1 1.42 -18.72 6.36
C ALA B 1 2.49 -17.63 6.43
N ARG B 2 2.16 -16.45 5.91
CA ARG B 2 3.06 -15.30 5.92
C ARG B 2 2.30 -14.04 6.33
N THR B 3 3.07 -13.02 6.75
CA THR B 3 2.51 -11.71 7.08
C THR B 3 1.67 -11.17 5.92
N VAL B 4 0.47 -10.67 6.23
CA VAL B 4 -0.43 -10.10 5.23
C VAL B 4 -0.65 -8.61 5.49
N SEP B 5 -0.75 -7.83 4.43
CA SEP B 5 -1.20 -6.44 4.51
CB SEP B 5 -0.28 -5.53 3.72
OG SEP B 5 -0.31 -5.94 2.34
C SEP B 5 -2.65 -6.37 4.05
O SEP B 5 -3.22 -7.39 3.70
P SEP B 5 0.73 -5.23 1.33
O1P SEP B 5 2.11 -5.60 1.80
O2P SEP B 5 0.43 -3.72 1.39
O3P SEP B 5 0.37 -5.86 0.00
N VAL B 6 -3.26 -5.18 4.09
CA VAL B 6 -4.70 -5.10 3.90
C VAL B 6 -4.99 -5.42 2.43
N SER B 7 -6.08 -6.17 2.19
CA SER B 7 -6.44 -6.60 0.84
C SER B 7 -7.79 -6.03 0.42
CL CL C . 17.41 -7.40 -18.67
CA CA D . -10.42 19.93 -0.20
CA CA E . 30.43 -26.89 -10.26
CA CA F . 18.62 -0.84 -8.16
CA CA G . -14.47 18.04 -19.38
#